data_8ZVE
#
_entry.id   8ZVE
#
_entity_poly.entity_id   1
_entity_poly.type   'polydeoxyribonucleotide'
_entity_poly.pdbx_seq_one_letter_code
;(DT)(DC)(DT)(DG)(DG)(DG)(DC)(DG)(DG)(DG)(DC)(DG)(DA)(DG)(DG)(DG)(DC)(DG)(DG)(DG)
(DA)(DG)(DC)
;
_entity_poly.pdbx_strand_id   X
#